data_6FUM
#
_entry.id   6FUM
#
_cell.length_a   85.610
_cell.length_b   114.180
_cell.length_c   50.630
_cell.angle_alpha   90.00
_cell.angle_beta   90.00
_cell.angle_gamma   90.00
#
_symmetry.space_group_name_H-M   'P 21 21 2'
#
loop_
_entity.id
_entity.type
_entity.pdbx_description
1 polymer 'Human F11 T-Cell Receptor alpha chain'
2 polymer 'Human F11 T-Cell Receptor beta chain'
3 non-polymer 1,2-ETHANEDIOL
4 non-polymer 1-ETHOXY-2-(2-ETHOXYETHOXY)ETHANE
5 non-polymer 'SULFATE ION'
6 water water
#
loop_
_entity_poly.entity_id
_entity_poly.type
_entity_poly.pdbx_seq_one_letter_code
_entity_poly.pdbx_strand_id
1 'polypeptide(L)'
;AQSVTQLGSHVSVSEGALVLLRCNYSSSVPPYLFWYVQYPNQGLQLLLKYTSAATLVKGINGFEAEFKKSETSFHLTKPS
AHMSDAAEYFCAVSEQDDKIIFGKGTRLHILPNIQNPDPAVYQLRDSKSSDKSVCLFTDFDSQTNVSQSKDSDVYITDKC
VLDMRSMDFKSNSAVAWSNKSDFACANAFNNSIIPEDTFFPS
;
A
2 'polypeptide(L)'
;ADVTQTPRNRITKTGKRIMLECSQTKGHDRMYWYRQDPGLGLRLIYYSFDVKDINKGEISDGYSVSRQAQAKFSLSLESA
IPNQTALYFCATSDESYGYTFGSGTRLTVVEDLNKVSPPEVAVFEPSEAEISHTQKATLVCLATGFYPDHVELSWWVNGK
EVHSGVCTDPQPLKEQPALNDSRYSLSSRLRVSATFWQNPRNHFRCQVQFYGLSENDEWTQDRAKPVTQIVSAEAWGRAD
;
B
#
# COMPACT_ATOMS: atom_id res chain seq x y z
N ALA A 1 -21.95 5.55 24.06
CA ALA A 1 -22.30 5.02 22.68
C ALA A 1 -21.35 5.57 21.58
N GLN A 2 -20.05 5.69 21.89
CA GLN A 2 -19.09 6.47 21.09
C GLN A 2 -18.54 5.78 19.81
N SER A 3 -18.58 6.48 18.66
CA SER A 3 -18.03 5.95 17.38
C SER A 3 -17.65 7.04 16.37
N VAL A 4 -17.04 6.61 15.26
CA VAL A 4 -16.61 7.54 14.25
C VAL A 4 -16.81 6.82 12.91
N THR A 5 -17.45 7.51 11.97
CA THR A 5 -17.91 6.93 10.69
C THR A 5 -17.31 7.68 9.53
N GLN A 6 -16.61 6.92 8.66
CA GLN A 6 -16.19 7.35 7.38
C GLN A 6 -16.96 6.44 6.40
N LEU A 7 -17.58 7.03 5.42
CA LEU A 7 -18.14 6.15 4.36
C LEU A 7 -17.46 6.28 3.01
N GLY A 8 -17.28 5.13 2.41
CA GLY A 8 -16.62 4.91 1.14
C GLY A 8 -15.18 4.51 1.43
N SER A 9 -14.85 3.22 1.23
CA SER A 9 -13.48 2.75 1.42
C SER A 9 -12.58 3.38 0.38
N HIS A 10 -13.10 3.62 -0.83
CA HIS A 10 -12.36 4.25 -1.90
C HIS A 10 -13.22 5.36 -2.49
N VAL A 11 -12.62 6.51 -2.63
CA VAL A 11 -13.28 7.66 -3.22
C VAL A 11 -12.40 8.35 -4.24
N SER A 12 -13.05 9.05 -5.18
CA SER A 12 -12.37 9.73 -6.25
C SER A 12 -12.61 11.22 -6.16
N VAL A 13 -11.64 11.94 -6.74
CA VAL A 13 -11.71 13.37 -6.96
C VAL A 13 -10.94 13.66 -8.26
N SER A 14 -11.46 14.62 -9.03
CA SER A 14 -10.76 15.15 -10.21
C SER A 14 -9.53 15.97 -9.80
N GLU A 15 -8.42 15.82 -10.52
CA GLU A 15 -7.22 16.60 -10.28
C GLU A 15 -7.61 18.11 -10.43
N GLY A 16 -7.21 18.94 -9.46
CA GLY A 16 -7.62 20.35 -9.46
C GLY A 16 -8.93 20.67 -8.75
N ALA A 17 -9.74 19.68 -8.39
CA ALA A 17 -11.04 19.95 -7.77
C ALA A 17 -10.97 19.90 -6.25
N LEU A 18 -12.02 20.41 -5.61
CA LEU A 18 -12.13 20.42 -4.14
C LEU A 18 -12.05 19.02 -3.57
N VAL A 19 -11.19 18.85 -2.56
CA VAL A 19 -11.10 17.59 -1.84
C VAL A 19 -12.08 17.70 -0.66
N LEU A 20 -12.82 16.63 -0.43
CA LEU A 20 -13.79 16.59 0.66
C LEU A 20 -13.97 15.17 1.16
N LEU A 21 -13.40 14.88 2.33
CA LEU A 21 -13.51 13.56 2.90
C LEU A 21 -14.39 13.62 4.14
N ARG A 22 -15.44 12.84 4.15
CA ARG A 22 -16.46 12.99 5.19
C ARG A 22 -16.18 12.15 6.44
N CYS A 23 -16.41 12.78 7.61
CA CYS A 23 -16.36 12.08 8.83
C CYS A 23 -17.47 12.55 9.76
N ASN A 24 -18.14 11.60 10.40
CA ASN A 24 -19.18 11.91 11.41
C ASN A 24 -18.89 11.11 12.64
N TYR A 25 -19.39 11.55 13.79
CA TYR A 25 -19.12 10.87 15.06
C TYR A 25 -20.43 10.74 15.84
N SER A 26 -20.41 9.84 16.81
N SER A 26 -20.45 9.92 16.90
CA SER A 26 -21.45 9.68 17.78
CA SER A 26 -21.66 9.76 17.74
C SER A 26 -20.81 9.96 19.14
C SER A 26 -21.55 9.97 19.26
N SER A 27 -21.08 11.13 19.69
CA SER A 27 -20.70 11.38 21.10
C SER A 27 -21.57 12.50 21.55
N SER A 28 -22.27 12.35 22.67
CA SER A 28 -23.09 13.44 23.13
C SER A 28 -22.19 14.62 23.49
N VAL A 29 -21.19 14.40 24.37
CA VAL A 29 -20.25 15.48 24.68
C VAL A 29 -19.30 15.66 23.49
N PRO A 30 -19.05 16.90 22.99
CA PRO A 30 -18.09 17.10 21.91
C PRO A 30 -16.74 16.46 22.23
N PRO A 31 -16.25 15.61 21.37
CA PRO A 31 -15.01 14.93 21.58
C PRO A 31 -13.84 15.68 20.97
N TYR A 32 -12.62 15.18 21.17
CA TYR A 32 -11.54 15.64 20.34
C TYR A 32 -11.60 14.76 19.08
N LEU A 33 -11.20 15.34 17.98
CA LEU A 33 -11.20 14.65 16.70
C LEU A 33 -9.89 14.85 15.96
N PHE A 34 -9.54 13.90 15.08
CA PHE A 34 -8.20 13.84 14.49
C PHE A 34 -8.37 13.36 13.07
N TRP A 35 -7.47 13.81 12.20
CA TRP A 35 -7.38 13.29 10.83
C TRP A 35 -5.91 12.92 10.63
N TYR A 36 -5.69 11.63 10.33
CA TYR A 36 -4.39 11.09 10.04
C TYR A 36 -4.36 10.72 8.57
N VAL A 37 -3.17 10.81 7.99
CA VAL A 37 -2.92 10.38 6.61
C VAL A 37 -1.82 9.29 6.63
N GLN A 38 -1.94 8.32 5.73
CA GLN A 38 -0.97 7.24 5.58
C GLN A 38 -0.64 7.10 4.08
N TYR A 39 0.54 7.56 3.69
CA TYR A 39 1.02 7.55 2.28
C TYR A 39 1.56 6.14 2.11
N PRO A 40 1.52 5.56 0.90
CA PRO A 40 1.76 4.09 0.88
C PRO A 40 3.18 3.70 1.31
N ASN A 41 3.29 2.52 1.94
CA ASN A 41 4.51 1.92 2.45
C ASN A 41 4.93 2.48 3.84
N GLN A 42 4.06 3.28 4.47
CA GLN A 42 4.46 4.14 5.60
C GLN A 42 3.51 4.11 6.79
N GLY A 43 3.87 4.88 7.84
CA GLY A 43 3.09 4.93 9.05
C GLY A 43 2.09 6.05 8.99
N LEU A 44 1.56 6.41 10.15
CA LEU A 44 0.55 7.45 10.24
C LEU A 44 1.13 8.84 10.55
N GLN A 45 0.61 9.86 9.89
CA GLN A 45 1.00 11.24 10.15
C GLN A 45 -0.25 12.08 10.48
N LEU A 46 -0.22 12.83 11.60
CA LEU A 46 -1.32 13.73 11.94
C LEU A 46 -1.42 14.94 10.99
N LEU A 47 -2.61 15.15 10.42
CA LEU A 47 -2.86 16.32 9.55
C LEU A 47 -3.34 17.48 10.35
N LEU A 48 -4.32 17.19 11.21
CA LEU A 48 -4.93 18.22 12.06
C LEU A 48 -5.83 17.61 13.10
N LYS A 49 -6.22 18.40 14.13
CA LYS A 49 -7.08 17.93 15.19
C LYS A 49 -7.88 19.05 15.78
N TYR A 50 -9.08 18.68 16.25
CA TYR A 50 -9.94 19.56 17.00
C TYR A 50 -9.78 19.23 18.48
N THR A 51 -9.39 20.24 19.26
CA THR A 51 -9.08 20.06 20.69
C THR A 51 -9.81 21.09 21.57
N SER A 52 -11.03 21.47 21.14
CA SER A 52 -11.94 22.41 21.80
C SER A 52 -11.44 23.85 21.81
N ALA A 53 -10.69 24.21 20.78
CA ALA A 53 -10.20 25.59 20.63
C ALA A 53 -10.84 26.16 19.34
N ALA A 54 -10.05 26.48 18.33
CA ALA A 54 -10.62 26.88 17.08
C ALA A 54 -11.53 25.74 16.53
N THR A 55 -12.69 26.18 16.08
CA THR A 55 -13.69 25.35 15.39
C THR A 55 -13.20 25.05 13.93
N LEU A 56 -12.64 26.05 13.25
CA LEU A 56 -11.98 25.83 11.96
C LEU A 56 -10.52 25.53 12.19
N VAL A 57 -10.13 24.28 12.01
CA VAL A 57 -8.77 23.85 12.27
C VAL A 57 -8.04 23.75 10.96
N LYS A 58 -6.85 24.33 10.93
CA LYS A 58 -6.04 24.37 9.74
C LYS A 58 -4.93 23.41 10.00
N GLY A 59 -4.53 22.68 8.98
CA GLY A 59 -3.49 21.73 9.06
C GLY A 59 -2.42 22.01 8.05
N ILE A 60 -1.53 21.06 7.93
CA ILE A 60 -0.44 21.09 6.95
C ILE A 60 -1.05 21.10 5.57
N ASN A 61 -0.39 21.77 4.63
CA ASN A 61 -0.68 21.67 3.16
C ASN A 61 -2.04 22.06 2.61
N GLY A 62 -2.66 23.08 3.17
CA GLY A 62 -3.93 23.56 2.71
C GLY A 62 -5.09 22.76 3.30
N PHE A 63 -4.84 21.68 4.06
CA PHE A 63 -5.89 20.96 4.73
C PHE A 63 -6.54 21.75 5.83
N GLU A 64 -7.86 21.61 5.90
CA GLU A 64 -8.61 22.19 6.99
C GLU A 64 -9.84 21.34 7.28
N ALA A 65 -10.39 21.46 8.48
CA ALA A 65 -11.63 20.81 8.85
C ALA A 65 -12.38 21.66 9.83
N GLU A 66 -13.70 21.76 9.61
CA GLU A 66 -14.59 22.49 10.53
C GLU A 66 -15.35 21.52 11.44
N PHE A 67 -15.17 21.66 12.74
CA PHE A 67 -15.99 20.91 13.70
C PHE A 67 -17.39 21.53 13.73
N LYS A 68 -18.40 20.72 13.41
CA LYS A 68 -19.79 21.15 13.38
C LYS A 68 -20.64 20.29 14.32
N LYS A 69 -20.78 20.71 15.60
CA LYS A 69 -21.47 19.83 16.56
C LYS A 69 -22.93 19.59 16.18
N SER A 70 -23.61 20.58 15.62
CA SER A 70 -25.04 20.39 15.32
C SER A 70 -25.30 19.34 14.21
N GLU A 71 -24.32 18.96 13.40
CA GLU A 71 -24.49 17.79 12.53
C GLU A 71 -23.43 16.74 12.74
N THR A 72 -22.91 16.71 13.96
CA THR A 72 -21.84 15.81 14.39
C THR A 72 -20.80 15.44 13.32
N SER A 73 -20.21 16.48 12.70
CA SER A 73 -19.29 16.30 11.59
C SER A 73 -17.97 17.00 11.78
N PHE A 74 -16.98 16.51 11.05
CA PHE A 74 -15.63 17.03 11.06
C PHE A 74 -15.02 16.68 9.70
N HIS A 75 -15.57 17.25 8.63
CA HIS A 75 -15.14 16.84 7.27
C HIS A 75 -13.80 17.51 6.92
N LEU A 76 -12.89 16.75 6.33
CA LEU A 76 -11.59 17.22 5.92
C LEU A 76 -11.68 17.77 4.51
N THR A 77 -11.16 18.99 4.29
CA THR A 77 -11.16 19.60 2.95
C THR A 77 -9.76 20.11 2.60
N LYS A 78 -9.55 20.25 1.30
CA LYS A 78 -8.39 20.93 0.74
C LYS A 78 -8.86 21.55 -0.55
N PRO A 79 -8.37 22.73 -0.87
CA PRO A 79 -9.08 23.41 -1.96
C PRO A 79 -8.90 22.78 -3.35
N SER A 80 -7.76 22.12 -3.61
CA SER A 80 -7.45 21.56 -4.93
C SER A 80 -6.70 20.21 -4.81
N ALA A 81 -7.14 19.21 -5.50
CA ALA A 81 -6.56 17.87 -5.40
C ALA A 81 -5.33 17.79 -6.27
N HIS A 82 -4.20 17.39 -5.67
CA HIS A 82 -2.93 17.20 -6.38
C HIS A 82 -2.67 15.70 -6.42
N MET A 83 -1.88 15.24 -7.41
CA MET A 83 -1.63 13.79 -7.52
C MET A 83 -0.98 13.24 -6.20
N SER A 84 -0.18 14.07 -5.54
CA SER A 84 0.51 13.68 -4.30
C SER A 84 -0.43 13.53 -3.08
N ASP A 85 -1.71 13.90 -3.24
CA ASP A 85 -2.71 13.71 -2.20
C ASP A 85 -3.24 12.26 -2.14
N ALA A 86 -2.85 11.43 -3.10
CA ALA A 86 -3.21 9.98 -3.12
C ALA A 86 -2.64 9.31 -1.89
N ALA A 87 -3.54 8.83 -1.03
CA ALA A 87 -3.19 8.26 0.26
C ALA A 87 -4.46 7.71 0.93
N GLU A 88 -4.27 7.10 2.10
CA GLU A 88 -5.40 6.71 2.91
C GLU A 88 -5.53 7.67 4.07
N TYR A 89 -6.77 8.11 4.31
CA TYR A 89 -7.09 9.07 5.37
C TYR A 89 -7.97 8.47 6.39
N PHE A 90 -7.62 8.73 7.65
CA PHE A 90 -8.40 8.17 8.78
C PHE A 90 -8.86 9.29 9.68
N CYS A 91 -10.17 9.30 9.96
CA CYS A 91 -10.77 10.14 11.00
C CYS A 91 -10.77 9.39 12.30
N ALA A 92 -10.57 10.08 13.43
CA ALA A 92 -10.49 9.40 14.71
C ALA A 92 -11.03 10.32 15.80
N VAL A 93 -11.46 9.69 16.91
CA VAL A 93 -12.13 10.39 17.99
CA VAL A 93 -12.16 10.36 18.02
C VAL A 93 -11.60 9.91 19.35
N SER A 94 -11.65 10.80 20.35
CA SER A 94 -11.34 10.43 21.71
C SER A 94 -12.48 9.55 22.25
N GLU A 95 -12.14 8.65 23.15
N GLU A 95 -12.13 8.60 23.10
CA GLU A 95 -13.13 7.74 23.70
CA GLU A 95 -13.11 7.66 23.68
C GLU A 95 -12.75 7.28 25.09
C GLU A 95 -12.73 7.35 25.11
N GLN A 96 -13.75 7.26 25.97
CA GLN A 96 -13.61 6.81 27.35
C GLN A 96 -12.54 7.48 28.15
N ASP A 97 -12.27 8.75 27.83
CA ASP A 97 -11.25 9.53 28.51
C ASP A 97 -9.87 8.85 28.48
N ASP A 98 -9.64 7.88 27.58
CA ASP A 98 -8.38 7.15 27.68
C ASP A 98 -7.72 6.66 26.39
N LYS A 99 -8.28 6.98 25.26
CA LYS A 99 -7.80 6.42 24.02
C LYS A 99 -8.37 7.13 22.83
N ILE A 100 -7.74 6.90 21.67
CA ILE A 100 -8.21 7.29 20.36
C ILE A 100 -8.71 6.02 19.63
N ILE A 101 -9.93 6.14 19.10
CA ILE A 101 -10.55 5.15 18.24
C ILE A 101 -10.58 5.71 16.82
N PHE A 102 -10.27 4.83 15.89
CA PHE A 102 -10.12 5.14 14.46
C PHE A 102 -11.31 4.71 13.61
N GLY A 103 -11.70 5.60 12.71
CA GLY A 103 -12.53 5.24 11.55
C GLY A 103 -11.87 4.15 10.67
N LYS A 104 -12.64 3.65 9.72
CA LYS A 104 -12.22 2.52 8.91
CA LYS A 104 -12.23 2.52 8.92
C LYS A 104 -11.30 2.92 7.76
N GLY A 105 -11.20 4.23 7.49
CA GLY A 105 -10.29 4.74 6.50
C GLY A 105 -10.95 4.90 5.13
N THR A 106 -10.50 5.92 4.40
CA THR A 106 -10.91 6.11 3.03
C THR A 106 -9.64 6.38 2.23
N ARG A 107 -9.52 5.68 1.13
CA ARG A 107 -8.44 5.93 0.18
C ARG A 107 -8.89 6.90 -0.88
N LEU A 108 -8.13 7.95 -1.06
CA LEU A 108 -8.38 8.99 -2.03
C LEU A 108 -7.62 8.67 -3.34
N HIS A 109 -8.37 8.54 -4.40
CA HIS A 109 -7.83 8.35 -5.79
C HIS A 109 -7.99 9.65 -6.56
N ILE A 110 -6.91 10.16 -7.14
CA ILE A 110 -6.96 11.42 -7.82
C ILE A 110 -6.99 11.10 -9.33
N LEU A 111 -8.04 11.53 -10.02
CA LEU A 111 -8.15 11.25 -11.48
C LEU A 111 -7.39 12.33 -12.24
N PRO A 112 -6.29 11.99 -12.92
CA PRO A 112 -5.55 13.00 -13.64
C PRO A 112 -6.34 13.73 -14.73
N ASN A 113 -6.10 15.01 -14.94
CA ASN A 113 -6.75 15.67 -16.02
C ASN A 113 -5.96 15.34 -17.30
N ILE A 114 -6.50 14.44 -18.10
CA ILE A 114 -5.90 13.99 -19.37
C ILE A 114 -6.62 14.76 -20.50
N GLN A 115 -6.05 15.88 -20.92
CA GLN A 115 -6.66 16.70 -22.00
C GLN A 115 -6.42 16.13 -23.44
N ASN A 116 -5.32 15.38 -23.68
CA ASN A 116 -5.05 14.73 -25.00
C ASN A 116 -4.84 13.24 -24.87
N PRO A 117 -5.92 12.51 -24.62
CA PRO A 117 -5.83 11.06 -24.45
C PRO A 117 -5.41 10.42 -25.77
N ASP A 118 -4.72 9.31 -25.68
CA ASP A 118 -4.17 8.66 -26.81
C ASP A 118 -4.21 7.16 -26.55
N PRO A 119 -5.42 6.63 -26.27
CA PRO A 119 -5.54 5.22 -25.84
C PRO A 119 -4.86 4.27 -26.81
N ALA A 120 -4.15 3.27 -26.27
CA ALA A 120 -3.41 2.34 -27.14
C ALA A 120 -3.16 1.04 -26.36
N VAL A 121 -3.01 -0.05 -27.10
CA VAL A 121 -2.55 -1.36 -26.55
C VAL A 121 -1.26 -1.75 -27.24
N TYR A 122 -0.19 -1.81 -26.47
CA TYR A 122 1.14 -2.17 -26.95
C TYR A 122 1.55 -3.56 -26.46
N GLN A 123 2.34 -4.25 -27.27
CA GLN A 123 2.99 -5.50 -26.88
C GLN A 123 4.44 -5.24 -26.47
N LEU A 124 4.87 -5.75 -25.32
CA LEU A 124 6.26 -5.55 -24.83
C LEU A 124 6.93 -6.88 -24.63
N ARG A 125 8.18 -6.97 -25.08
CA ARG A 125 8.93 -8.20 -25.02
C ARG A 125 9.91 -8.29 -23.90
N ASP A 126 10.09 -9.53 -23.41
CA ASP A 126 11.04 -9.77 -22.37
C ASP A 126 12.41 -9.35 -22.85
N SER A 127 13.19 -8.68 -22.00
CA SER A 127 14.53 -8.25 -22.38
C SER A 127 15.46 -9.42 -22.56
N LYS A 128 15.11 -10.54 -21.95
CA LYS A 128 15.85 -11.76 -22.13
C LYS A 128 15.18 -12.68 -23.16
N SER A 129 16.00 -13.47 -23.82
CA SER A 129 15.63 -14.07 -25.10
C SER A 129 14.69 -15.27 -24.95
N SER A 130 13.56 -15.00 -24.30
CA SER A 130 12.39 -15.79 -24.44
C SER A 130 11.60 -14.96 -25.46
N ASP A 131 10.60 -15.58 -26.08
CA ASP A 131 9.56 -14.78 -26.68
C ASP A 131 8.40 -14.79 -25.67
N LYS A 132 8.66 -14.30 -24.46
CA LYS A 132 7.58 -13.97 -23.52
C LYS A 132 7.26 -12.50 -23.71
N SER A 133 5.99 -12.17 -23.53
CA SER A 133 5.46 -10.83 -23.72
C SER A 133 4.43 -10.45 -22.63
N VAL A 134 4.20 -9.16 -22.50
CA VAL A 134 3.01 -8.64 -21.84
C VAL A 134 2.33 -7.60 -22.74
N CYS A 135 1.07 -7.28 -22.43
CA CYS A 135 0.27 -6.24 -23.11
C CYS A 135 0.04 -5.05 -22.19
N LEU A 136 0.19 -3.84 -22.73
CA LEU A 136 0.08 -2.65 -21.96
C LEU A 136 -1.01 -1.74 -22.60
N PHE A 137 -2.10 -1.54 -21.86
CA PHE A 137 -3.17 -0.68 -22.25
C PHE A 137 -2.83 0.66 -21.58
N THR A 138 -2.69 1.73 -22.37
CA THR A 138 -2.21 2.97 -21.78
C THR A 138 -2.85 4.17 -22.46
N ASP A 139 -2.77 5.26 -21.72
CA ASP A 139 -3.01 6.61 -22.24
C ASP A 139 -4.47 6.95 -22.49
N PHE A 140 -5.38 6.18 -21.85
CA PHE A 140 -6.79 6.47 -21.79
C PHE A 140 -7.12 7.46 -20.66
N ASP A 141 -8.19 8.24 -20.86
CA ASP A 141 -8.65 9.20 -19.81
C ASP A 141 -9.49 8.49 -18.73
N SER A 142 -9.98 9.22 -17.73
CA SER A 142 -10.60 8.50 -16.62
C SER A 142 -12.08 8.19 -16.87
N GLN A 143 -12.53 8.30 -18.10
CA GLN A 143 -13.81 7.61 -18.45
C GLN A 143 -13.72 6.16 -18.73
N THR A 144 -12.48 5.69 -18.88
CA THR A 144 -12.23 4.32 -19.05
C THR A 144 -11.84 3.68 -17.79
N ASN A 145 -12.39 2.50 -17.58
CA ASN A 145 -11.97 1.64 -16.52
C ASN A 145 -11.75 0.21 -17.09
N VAL A 146 -10.88 -0.54 -16.42
CA VAL A 146 -10.48 -1.83 -16.86
C VAL A 146 -11.18 -2.92 -16.03
N SER A 147 -11.74 -3.93 -16.70
CA SER A 147 -12.34 -5.06 -16.01
C SER A 147 -11.34 -6.17 -15.79
N GLN A 148 -11.66 -7.00 -14.82
CA GLN A 148 -10.91 -8.24 -14.54
C GLN A 148 -11.29 -9.17 -15.67
N SER A 149 -10.42 -10.14 -15.99
CA SER A 149 -10.66 -10.96 -17.19
C SER A 149 -11.69 -12.04 -16.90
N LYS A 150 -12.25 -12.57 -17.99
CA LYS A 150 -13.16 -13.72 -17.99
C LYS A 150 -12.41 -15.02 -17.78
N ASP A 151 -11.13 -15.02 -18.11
CA ASP A 151 -10.40 -16.24 -18.40
C ASP A 151 -9.34 -16.37 -17.32
N SER A 152 -9.43 -17.43 -16.51
CA SER A 152 -8.55 -17.56 -15.34
C SER A 152 -7.08 -17.83 -15.70
N ASP A 153 -6.78 -18.13 -16.97
CA ASP A 153 -5.37 -18.12 -17.43
C ASP A 153 -4.86 -16.77 -18.01
N VAL A 154 -5.67 -15.73 -17.94
CA VAL A 154 -5.24 -14.40 -18.38
C VAL A 154 -5.29 -13.48 -17.17
N TYR A 155 -4.21 -12.79 -16.89
CA TYR A 155 -4.09 -11.90 -15.73
C TYR A 155 -4.14 -10.44 -16.14
N ILE A 156 -4.97 -9.66 -15.49
CA ILE A 156 -5.14 -8.23 -15.81
C ILE A 156 -5.08 -7.45 -14.49
N THR A 157 -4.20 -6.47 -14.48
CA THR A 157 -4.06 -5.61 -13.32
C THR A 157 -5.12 -4.49 -13.30
N ASP A 158 -5.29 -3.88 -12.13
CA ASP A 158 -6.06 -2.66 -12.00
C ASP A 158 -5.35 -1.54 -12.78
N LYS A 159 -6.05 -0.49 -13.13
CA LYS A 159 -5.37 0.69 -13.70
C LYS A 159 -4.55 1.39 -12.61
N CYS A 160 -3.45 1.98 -13.06
CA CYS A 160 -2.48 2.60 -12.23
C CYS A 160 -2.13 3.95 -12.92
N VAL A 161 -1.98 5.02 -12.15
CA VAL A 161 -1.52 6.32 -12.69
C VAL A 161 -0.10 6.61 -12.35
N LEU A 162 0.69 6.91 -13.36
CA LEU A 162 2.07 7.31 -13.15
C LEU A 162 2.18 8.79 -13.50
N ASP A 163 3.11 9.47 -12.84
CA ASP A 163 3.32 10.93 -12.99
C ASP A 163 4.78 11.09 -13.42
N MET A 164 5.05 11.24 -14.73
CA MET A 164 6.41 11.47 -15.18
C MET A 164 6.81 12.91 -14.89
N ARG A 165 7.58 13.14 -13.82
CA ARG A 165 7.94 14.51 -13.45
C ARG A 165 8.76 15.19 -14.54
N SER A 166 9.61 14.45 -15.23
CA SER A 166 10.51 15.05 -16.27
C SER A 166 9.79 15.88 -17.34
N MET A 167 8.56 15.47 -17.65
CA MET A 167 7.72 16.06 -18.67
C MET A 167 6.36 16.60 -18.11
N ASP A 168 6.24 16.64 -16.78
CA ASP A 168 4.98 17.03 -16.10
C ASP A 168 3.77 16.36 -16.78
N PHE A 169 3.84 15.04 -16.85
CA PHE A 169 2.96 14.23 -17.69
C PHE A 169 2.44 13.05 -16.92
N LYS A 170 1.10 12.91 -16.84
CA LYS A 170 0.50 11.75 -16.13
C LYS A 170 -0.22 10.84 -17.14
N SER A 171 -0.22 9.54 -16.87
CA SER A 171 -0.97 8.64 -17.69
C SER A 171 -1.41 7.41 -16.89
N ASN A 172 -2.56 6.90 -17.31
CA ASN A 172 -3.11 5.63 -16.85
C ASN A 172 -2.58 4.45 -17.57
N SER A 173 -2.46 3.29 -16.89
CA SER A 173 -2.18 2.07 -17.67
C SER A 173 -2.65 0.86 -16.89
N ALA A 174 -2.93 -0.20 -17.62
CA ALA A 174 -3.09 -1.57 -17.05
C ALA A 174 -2.25 -2.55 -17.82
N VAL A 175 -1.85 -3.62 -17.14
CA VAL A 175 -1.00 -4.68 -17.77
C VAL A 175 -1.79 -6.00 -17.82
N ALA A 176 -1.69 -6.75 -18.95
CA ALA A 176 -2.28 -8.09 -19.09
C ALA A 176 -1.21 -9.04 -19.54
N TRP A 177 -1.27 -10.30 -19.12
CA TRP A 177 -0.34 -11.34 -19.56
C TRP A 177 -0.97 -12.69 -19.40
N SER A 178 -0.43 -13.66 -20.13
CA SER A 178 -0.89 -15.04 -20.07
C SER A 178 0.22 -15.96 -20.53
N ASN A 179 0.19 -17.21 -20.07
CA ASN A 179 1.06 -18.26 -20.63
C ASN A 179 0.40 -19.06 -21.78
N LYS A 180 -0.87 -18.80 -22.06
CA LYS A 180 -1.60 -19.46 -23.14
C LYS A 180 -1.05 -19.15 -24.52
N SER A 181 -1.07 -20.16 -25.38
CA SER A 181 -0.53 -20.05 -26.74
C SER A 181 -1.43 -19.21 -27.63
N ASP A 182 -2.75 -19.30 -27.45
CA ASP A 182 -3.70 -18.44 -28.19
C ASP A 182 -3.79 -16.94 -27.81
N PHE A 183 -3.02 -16.47 -26.81
CA PHE A 183 -3.18 -15.13 -26.26
C PHE A 183 -2.53 -14.05 -27.11
N ALA A 184 -3.33 -13.07 -27.52
CA ALA A 184 -2.87 -11.95 -28.35
C ALA A 184 -3.27 -10.68 -27.66
N CYS A 185 -2.42 -9.64 -27.77
CA CYS A 185 -2.72 -8.33 -27.18
C CYS A 185 -3.98 -7.71 -27.81
N ALA A 186 -4.28 -8.06 -29.05
CA ALA A 186 -5.55 -7.61 -29.66
C ALA A 186 -6.79 -8.01 -28.84
N ASN A 187 -6.73 -9.17 -28.19
CA ASN A 187 -7.82 -9.70 -27.40
C ASN A 187 -7.72 -9.56 -25.91
N ALA A 188 -6.57 -9.12 -25.43
CA ALA A 188 -6.32 -9.12 -23.99
C ALA A 188 -7.33 -8.36 -23.14
N PHE A 189 -7.73 -7.17 -23.62
CA PHE A 189 -8.74 -6.31 -22.97
C PHE A 189 -10.19 -6.37 -23.51
N ASN A 190 -10.57 -7.48 -24.12
CA ASN A 190 -11.90 -7.68 -24.69
C ASN A 190 -13.03 -7.68 -23.67
N ASN A 191 -12.70 -7.87 -22.39
CA ASN A 191 -13.72 -7.82 -21.35
C ASN A 191 -13.88 -6.41 -20.77
N SER A 192 -13.06 -5.46 -21.18
CA SER A 192 -13.17 -4.04 -20.81
C SER A 192 -13.84 -3.25 -21.90
N ILE A 193 -14.49 -2.16 -21.49
CA ILE A 193 -15.05 -1.19 -22.43
C ILE A 193 -13.94 -0.20 -22.69
N ILE A 194 -13.34 -0.28 -23.90
CA ILE A 194 -12.21 0.56 -24.26
C ILE A 194 -12.67 1.68 -25.23
N PRO A 195 -11.88 2.75 -25.33
CA PRO A 195 -12.29 3.81 -26.26
C PRO A 195 -12.33 3.30 -27.75
N GLU A 196 -13.33 3.77 -28.50
CA GLU A 196 -13.54 3.36 -29.88
C GLU A 196 -12.33 3.65 -30.75
N ASP A 197 -11.55 4.66 -30.35
CA ASP A 197 -10.31 5.08 -31.06
C ASP A 197 -8.98 4.53 -30.50
N THR A 198 -9.05 3.42 -29.71
CA THR A 198 -7.86 2.80 -29.19
C THR A 198 -6.95 2.38 -30.36
N PHE A 199 -5.70 2.77 -30.25
CA PHE A 199 -4.67 2.43 -31.24
C PHE A 199 -4.21 1.01 -31.03
N PHE A 200 -4.28 0.18 -32.11
CA PHE A 200 -3.85 -1.23 -32.06
C PHE A 200 -2.80 -1.42 -33.16
N PRO A 201 -1.52 -1.21 -32.83
CA PRO A 201 -0.45 -1.25 -33.86
C PRO A 201 -0.36 -2.60 -34.54
N SER A 202 0.05 -2.60 -35.77
CA SER A 202 0.67 -3.79 -36.39
C SER A 202 -0.16 -5.06 -36.40
N ALA B 1 7.66 9.48 22.44
CA ALA B 1 9.13 9.36 22.45
C ALA B 1 9.69 9.13 21.07
N ASP B 2 10.96 8.75 20.97
CA ASP B 2 11.28 7.92 19.85
C ASP B 2 10.53 6.65 20.43
N VAL B 3 9.41 6.35 19.83
CA VAL B 3 8.74 5.05 20.00
C VAL B 3 9.34 4.11 18.96
N THR B 4 9.94 2.99 19.39
CA THR B 4 10.52 2.02 18.45
C THR B 4 9.85 0.64 18.62
N GLN B 5 9.64 -0.09 17.52
CA GLN B 5 9.07 -1.46 17.55
C GLN B 5 10.01 -2.43 16.95
N THR B 6 10.01 -3.64 17.47
CA THR B 6 10.76 -4.72 16.86
C THR B 6 9.83 -5.96 16.86
N PRO B 7 9.88 -6.79 15.83
CA PRO B 7 10.65 -6.59 14.62
C PRO B 7 9.92 -5.67 13.62
N ARG B 8 10.63 -5.24 12.57
N ARG B 8 10.61 -5.25 12.57
CA ARG B 8 10.01 -4.47 11.49
CA ARG B 8 9.95 -4.47 11.52
C ARG B 8 9.19 -5.36 10.55
C ARG B 8 9.16 -5.39 10.56
N ASN B 9 9.72 -6.55 10.23
CA ASN B 9 9.06 -7.54 9.34
C ASN B 9 9.23 -8.91 10.01
N ARG B 10 8.23 -9.76 9.95
CA ARG B 10 8.39 -11.15 10.35
C ARG B 10 7.44 -12.04 9.64
N ILE B 11 7.94 -13.23 9.26
CA ILE B 11 7.15 -14.31 8.77
C ILE B 11 7.23 -15.42 9.78
N THR B 12 6.08 -16.02 10.10
CA THR B 12 6.02 -17.19 11.00
C THR B 12 5.07 -18.24 10.49
N LYS B 13 5.33 -19.49 10.90
CA LYS B 13 4.35 -20.55 10.76
C LYS B 13 3.28 -20.46 11.85
N THR B 14 2.12 -21.06 11.56
CA THR B 14 1.02 -21.13 12.51
C THR B 14 1.41 -21.95 13.74
N GLY B 15 0.86 -21.60 14.90
CA GLY B 15 1.12 -22.35 16.11
C GLY B 15 2.32 -21.90 16.93
N LYS B 16 3.05 -20.88 16.50
CA LYS B 16 4.19 -20.39 17.23
C LYS B 16 3.75 -19.22 18.12
N ARG B 17 4.44 -19.05 19.25
CA ARG B 17 4.23 -17.90 20.09
C ARG B 17 5.13 -16.81 19.52
N ILE B 18 4.60 -15.62 19.26
CA ILE B 18 5.37 -14.54 18.61
C ILE B 18 5.27 -13.31 19.47
N MET B 19 6.41 -12.66 19.70
CA MET B 19 6.49 -11.47 20.54
C MET B 19 6.88 -10.21 19.73
N LEU B 20 6.10 -9.16 19.89
CA LEU B 20 6.39 -7.81 19.35
CA LEU B 20 6.42 -7.82 19.35
C LEU B 20 6.70 -6.89 20.54
N GLU B 21 7.73 -6.06 20.42
CA GLU B 21 8.13 -5.22 21.55
C GLU B 21 8.03 -3.74 21.19
N CYS B 22 7.43 -2.92 22.05
CA CYS B 22 7.41 -1.45 21.89
C CYS B 22 8.24 -0.84 23.01
N SER B 23 9.10 0.12 22.68
CA SER B 23 9.95 0.81 23.65
C SER B 23 9.77 2.31 23.42
N GLN B 24 9.81 3.10 24.48
CA GLN B 24 9.75 4.57 24.37
C GLN B 24 10.78 5.16 25.30
N THR B 25 11.16 6.40 25.05
CA THR B 25 12.14 7.14 25.83
C THR B 25 11.52 8.25 26.67
N LYS B 26 10.28 8.65 26.36
CA LYS B 26 9.66 9.78 27.05
C LYS B 26 8.90 9.40 28.37
N GLY B 27 8.73 8.11 28.62
CA GLY B 27 8.10 7.64 29.86
C GLY B 27 6.68 8.03 30.06
N HIS B 28 5.93 8.16 28.96
CA HIS B 28 4.48 8.37 29.04
C HIS B 28 3.79 7.19 29.74
N ASP B 29 2.88 7.49 30.67
CA ASP B 29 2.10 6.45 31.33
C ASP B 29 1.36 5.53 30.32
N ARG B 30 0.81 6.11 29.26
CA ARG B 30 -0.17 5.42 28.41
C ARG B 30 0.53 4.80 27.18
N MET B 31 0.42 3.48 27.03
CA MET B 31 0.90 2.75 25.83
C MET B 31 -0.20 1.84 25.27
N TYR B 32 -0.12 1.58 23.95
CA TYR B 32 -1.22 0.94 23.23
C TYR B 32 -0.67 0.05 22.14
N TRP B 33 -1.36 -1.07 21.85
CA TRP B 33 -1.07 -1.90 20.69
C TRP B 33 -2.34 -1.95 19.83
N TYR B 34 -2.17 -1.64 18.53
CA TYR B 34 -3.24 -1.65 17.55
C TYR B 34 -2.79 -2.57 16.41
N ARG B 35 -3.77 -3.08 15.69
CA ARG B 35 -3.56 -3.67 14.37
C ARG B 35 -4.34 -3.00 13.28
N GLN B 36 -3.74 -2.99 12.09
CA GLN B 36 -4.33 -2.37 10.96
C GLN B 36 -4.61 -3.46 9.92
N ASP B 37 -5.83 -3.48 9.44
CA ASP B 37 -6.22 -4.34 8.30
C ASP B 37 -6.99 -3.53 7.28
N PRO B 38 -6.83 -3.87 5.98
CA PRO B 38 -7.51 -3.09 4.96
C PRO B 38 -9.03 -3.10 5.15
N GLY B 39 -9.66 -1.95 5.01
CA GLY B 39 -11.09 -1.77 5.27
C GLY B 39 -11.57 -1.64 6.70
N LEU B 40 -10.68 -1.84 7.67
CA LEU B 40 -11.03 -1.86 9.09
C LEU B 40 -10.33 -0.81 9.91
N GLY B 41 -9.38 -0.10 9.34
CA GLY B 41 -8.66 0.92 10.07
C GLY B 41 -7.76 0.27 11.08
N LEU B 42 -7.54 1.00 12.20
CA LEU B 42 -6.69 0.62 13.25
C LEU B 42 -7.60 0.25 14.42
N ARG B 43 -7.47 -1.02 14.84
CA ARG B 43 -8.26 -1.60 15.93
C ARG B 43 -7.40 -1.86 17.13
N LEU B 44 -7.90 -1.42 18.29
CA LEU B 44 -7.14 -1.54 19.54
C LEU B 44 -7.17 -2.97 20.09
N ILE B 45 -5.97 -3.49 20.38
CA ILE B 45 -5.85 -4.87 20.94
C ILE B 45 -5.85 -4.79 22.51
N TYR B 46 -4.89 -4.03 23.02
CA TYR B 46 -4.69 -3.86 24.46
C TYR B 46 -4.05 -2.50 24.74
N TYR B 47 -4.25 -2.01 25.96
CA TYR B 47 -3.57 -0.82 26.35
C TYR B 47 -3.30 -0.85 27.84
N SER B 48 -2.37 0.01 28.22
CA SER B 48 -1.83 0.05 29.57
C SER B 48 -1.55 1.46 30.04
N PHE B 49 -2.01 1.81 31.26
CA PHE B 49 -1.84 3.17 31.82
C PHE B 49 -0.74 3.27 32.83
N ASP B 50 -0.14 2.15 33.17
CA ASP B 50 1.03 2.12 34.00
C ASP B 50 1.39 0.69 34.11
N VAL B 51 2.40 0.47 34.93
CA VAL B 51 2.99 -0.79 35.07
C VAL B 51 2.01 -1.75 35.76
N LYS B 52 0.99 -1.26 36.49
CA LYS B 52 -0.02 -2.15 37.15
C LYS B 52 -1.39 -2.22 36.43
N ASP B 53 -1.44 -1.89 35.16
CA ASP B 53 -2.70 -1.64 34.54
C ASP B 53 -2.69 -2.20 33.11
N ILE B 54 -3.62 -3.11 32.82
CA ILE B 54 -3.78 -3.71 31.51
C ILE B 54 -5.29 -3.70 31.21
N ASN B 55 -5.67 -3.25 30.02
CA ASN B 55 -7.06 -3.15 29.64
C ASN B 55 -7.23 -3.71 28.22
N LYS B 56 -8.27 -4.51 28.03
CA LYS B 56 -8.63 -5.03 26.69
C LYS B 56 -9.16 -3.96 25.79
N GLY B 57 -8.79 -4.04 24.51
CA GLY B 57 -9.38 -3.24 23.46
C GLY B 57 -10.46 -4.05 22.79
N GLU B 58 -10.88 -3.65 21.61
CA GLU B 58 -11.92 -4.38 20.88
C GLU B 58 -11.53 -5.77 20.32
N ILE B 59 -10.26 -6.04 20.03
CA ILE B 59 -9.86 -7.31 19.44
C ILE B 59 -8.70 -7.94 20.23
N SER B 60 -8.95 -8.20 21.50
CA SER B 60 -7.95 -8.80 22.39
C SER B 60 -7.82 -10.34 22.30
N ASP B 61 -8.82 -11.05 21.80
CA ASP B 61 -8.71 -12.52 21.65
C ASP B 61 -7.52 -12.99 20.79
N GLY B 62 -6.76 -13.96 21.31
CA GLY B 62 -5.59 -14.53 20.65
C GLY B 62 -4.29 -13.82 21.05
N TYR B 63 -4.39 -12.79 21.90
CA TYR B 63 -3.24 -11.95 22.22
C TYR B 63 -3.09 -11.88 23.72
N SER B 64 -1.87 -11.64 24.16
CA SER B 64 -1.64 -11.21 25.54
C SER B 64 -0.64 -10.07 25.51
N VAL B 65 -0.49 -9.38 26.63
CA VAL B 65 0.45 -8.26 26.73
C VAL B 65 1.09 -8.27 28.10
N SER B 66 2.22 -7.58 28.19
CA SER B 66 2.88 -7.33 29.46
CA SER B 66 2.90 -7.35 29.45
C SER B 66 3.49 -5.94 29.44
N ARG B 67 3.35 -5.23 30.57
CA ARG B 67 3.93 -3.91 30.73
C ARG B 67 5.07 -4.10 31.76
N GLN B 68 6.23 -4.50 31.28
CA GLN B 68 7.38 -4.85 32.07
CA GLN B 68 7.29 -4.85 32.26
C GLN B 68 8.11 -3.62 32.69
N ALA B 69 7.87 -2.45 32.08
CA ALA B 69 8.51 -1.23 32.55
C ALA B 69 7.75 -0.02 32.06
N GLN B 70 8.01 1.13 32.70
CA GLN B 70 7.45 2.40 32.21
CA GLN B 70 7.47 2.38 32.21
C GLN B 70 7.73 2.50 30.69
N ALA B 71 8.93 2.11 30.30
CA ALA B 71 9.40 2.29 28.93
C ALA B 71 8.92 1.22 27.91
N LYS B 72 8.41 0.07 28.33
CA LYS B 72 8.23 -1.06 27.42
C LYS B 72 6.86 -1.70 27.48
N PHE B 73 6.28 -2.10 26.35
CA PHE B 73 4.95 -2.72 26.33
C PHE B 73 5.01 -3.82 25.30
N SER B 74 4.88 -5.08 25.74
CA SER B 74 5.08 -6.26 24.90
C SER B 74 3.74 -6.82 24.46
N LEU B 75 3.65 -7.19 23.20
CA LEU B 75 2.47 -7.86 22.63
C LEU B 75 2.88 -9.29 22.28
N SER B 76 2.11 -10.30 22.68
CA SER B 76 2.31 -11.69 22.21
C SER B 76 1.13 -12.28 21.42
N LEU B 77 1.41 -12.95 20.31
CA LEU B 77 0.42 -13.81 19.68
C LEU B 77 0.67 -15.15 20.37
N GLU B 78 -0.33 -15.66 21.06
CA GLU B 78 -0.12 -16.82 21.90
C GLU B 78 0.12 -18.09 21.09
N SER B 79 -0.59 -18.23 20.00
CA SER B 79 -0.44 -19.36 19.10
C SER B 79 -0.91 -18.83 17.76
N ALA B 80 0.04 -18.42 16.93
CA ALA B 80 -0.27 -17.62 15.71
C ALA B 80 -1.18 -18.35 14.74
N ILE B 81 -2.17 -17.65 14.23
CA ILE B 81 -3.05 -18.14 13.19
C ILE B 81 -3.06 -17.17 11.99
N PRO B 82 -3.44 -17.68 10.77
CA PRO B 82 -3.28 -16.83 9.60
C PRO B 82 -4.02 -15.51 9.65
N ASN B 83 -5.19 -15.49 10.26
CA ASN B 83 -5.94 -14.25 10.31
C ASN B 83 -5.30 -13.20 11.31
N GLN B 84 -4.18 -13.53 11.95
CA GLN B 84 -3.37 -12.55 12.69
C GLN B 84 -2.35 -11.87 11.81
N THR B 85 -2.33 -12.19 10.50
CA THR B 85 -1.50 -11.47 9.55
C THR B 85 -2.03 -10.05 9.43
N ALA B 86 -1.16 -9.07 9.62
CA ALA B 86 -1.58 -7.65 9.76
C ALA B 86 -0.33 -6.76 9.91
N LEU B 87 -0.56 -5.45 9.77
CA LEU B 87 0.40 -4.47 10.17
C LEU B 87 0.05 -4.12 11.61
N TYR B 88 1.02 -4.22 12.51
CA TYR B 88 0.79 -3.89 13.92
C TYR B 88 1.49 -2.55 14.30
N PHE B 89 0.82 -1.70 15.09
CA PHE B 89 1.36 -0.41 15.47
C PHE B 89 1.25 -0.24 16.98
N CYS B 90 2.35 0.09 17.63
CA CYS B 90 2.23 0.56 19.00
CA CYS B 90 2.36 0.57 19.02
C CYS B 90 2.20 2.08 19.05
N ALA B 91 1.64 2.61 20.16
CA ALA B 91 1.57 4.06 20.35
C ALA B 91 1.75 4.40 21.81
N THR B 92 2.22 5.59 22.06
CA THR B 92 2.16 6.21 23.39
C THR B 92 1.27 7.43 23.32
N SER B 93 0.78 7.86 24.48
CA SER B 93 0.05 9.13 24.54
C SER B 93 0.46 9.90 25.82
N ASP B 94 0.46 11.23 25.71
CA ASP B 94 0.54 12.08 26.88
C ASP B 94 -0.86 12.15 27.48
N GLU B 95 -1.08 13.05 28.41
CA GLU B 95 -2.42 13.17 29.04
C GLU B 95 -3.45 14.05 28.25
N SER B 96 -3.07 14.53 27.06
CA SER B 96 -3.96 15.33 26.18
C SER B 96 -4.10 14.74 24.75
N TYR B 97 -4.12 13.43 24.62
CA TYR B 97 -4.29 12.73 23.31
C TYR B 97 -3.15 13.03 22.28
N GLY B 98 -1.96 13.39 22.78
CA GLY B 98 -0.79 13.57 21.91
C GLY B 98 -0.17 12.20 21.69
N TYR B 99 -0.57 11.56 20.59
CA TYR B 99 -0.14 10.21 20.22
C TYR B 99 1.17 10.24 19.45
N THR B 100 2.03 9.30 19.74
CA THR B 100 3.22 9.01 18.96
C THR B 100 3.12 7.57 18.57
N PHE B 101 3.17 7.28 17.26
CA PHE B 101 3.07 5.92 16.78
C PHE B 101 4.43 5.37 16.46
N GLY B 102 4.65 4.10 16.70
CA GLY B 102 5.79 3.43 16.15
C GLY B 102 5.67 3.29 14.62
N SER B 103 6.76 2.91 13.96
CA SER B 103 6.78 2.78 12.51
C SER B 103 6.18 1.48 11.95
N GLY B 104 5.74 0.57 12.81
CA GLY B 104 5.00 -0.60 12.29
C GLY B 104 5.76 -1.91 12.32
N THR B 105 5.01 -2.98 12.47
CA THR B 105 5.50 -4.34 12.34
C THR B 105 4.62 -5.08 11.32
N ARG B 106 5.19 -5.50 10.21
CA ARG B 106 4.44 -6.24 9.20
C ARG B 106 4.61 -7.72 9.52
N LEU B 107 3.55 -8.37 9.94
CA LEU B 107 3.64 -9.78 10.35
C LEU B 107 2.78 -10.64 9.41
N THR B 108 3.36 -11.71 8.90
CA THR B 108 2.62 -12.68 8.05
C THR B 108 2.69 -14.03 8.67
N VAL B 109 1.53 -14.61 8.92
CA VAL B 109 1.40 -15.98 9.52
C VAL B 109 1.01 -16.91 8.41
N VAL B 110 1.82 -17.94 8.12
CA VAL B 110 1.52 -18.89 7.05
C VAL B 110 1.36 -20.28 7.65
N GLU B 111 0.46 -21.03 7.08
CA GLU B 111 0.21 -22.36 7.55
C GLU B 111 1.34 -23.34 7.32
N ASP B 112 1.96 -23.25 6.14
CA ASP B 112 2.93 -24.24 5.74
C ASP B 112 4.13 -23.50 5.17
N LEU B 113 5.30 -23.56 5.83
CA LEU B 113 6.51 -22.91 5.33
C LEU B 113 7.01 -23.50 4.02
N ASN B 114 6.65 -24.74 3.72
CA ASN B 114 7.00 -25.38 2.42
C ASN B 114 6.49 -24.62 1.19
N LYS B 115 5.48 -23.78 1.37
CA LYS B 115 4.94 -23.04 0.24
C LYS B 115 5.63 -21.72 -0.02
N VAL B 116 6.56 -21.32 0.86
CA VAL B 116 7.26 -20.05 0.69
C VAL B 116 8.10 -20.15 -0.62
N SER B 117 8.17 -19.06 -1.37
CA SER B 117 8.76 -19.06 -2.70
C SER B 117 9.16 -17.66 -3.10
N PRO B 118 10.44 -17.41 -3.49
CA PRO B 118 10.79 -16.07 -3.94
C PRO B 118 10.17 -15.76 -5.32
N PRO B 119 10.10 -14.47 -5.71
CA PRO B 119 9.60 -14.18 -7.04
C PRO B 119 10.62 -14.50 -8.14
N GLU B 120 10.10 -14.79 -9.30
CA GLU B 120 10.83 -14.65 -10.57
C GLU B 120 10.50 -13.25 -11.07
N VAL B 121 11.52 -12.55 -11.53
CA VAL B 121 11.34 -11.14 -11.96
C VAL B 121 11.84 -10.95 -13.40
N ALA B 122 11.05 -10.25 -14.24
CA ALA B 122 11.42 -10.01 -15.60
C ALA B 122 11.14 -8.55 -15.93
N VAL B 123 11.97 -7.96 -16.78
CA VAL B 123 11.65 -6.65 -17.36
C VAL B 123 11.25 -6.83 -18.82
N PHE B 124 10.17 -6.15 -19.20
CA PHE B 124 9.69 -6.10 -20.56
C PHE B 124 9.97 -4.72 -21.16
N GLU B 125 10.63 -4.72 -22.34
CA GLU B 125 11.16 -3.53 -22.93
C GLU B 125 10.12 -2.73 -23.67
N PRO B 126 10.33 -1.43 -23.80
CA PRO B 126 9.31 -0.66 -24.46
C PRO B 126 9.07 -1.09 -25.90
N SER B 127 7.81 -0.96 -26.32
CA SER B 127 7.38 -1.14 -27.68
C SER B 127 7.91 -0.09 -28.65
N GLU B 128 8.34 -0.52 -29.86
CA GLU B 128 8.71 0.42 -30.92
C GLU B 128 7.50 1.25 -31.33
N ALA B 129 6.34 0.60 -31.36
CA ALA B 129 5.07 1.30 -31.74
C ALA B 129 4.75 2.40 -30.75
N GLU B 130 4.97 2.17 -29.43
CA GLU B 130 4.78 3.24 -28.43
C GLU B 130 5.77 4.37 -28.68
N ILE B 131 7.04 3.99 -28.84
CA ILE B 131 8.08 4.99 -29.10
C ILE B 131 7.72 5.90 -30.29
N SER B 132 7.29 5.31 -31.39
CA SER B 132 7.02 6.07 -32.59
C SER B 132 5.74 6.89 -32.42
N HIS B 133 4.73 6.31 -31.77
CA HIS B 133 3.41 7.00 -31.60
C HIS B 133 3.42 8.21 -30.62
N THR B 134 4.23 8.11 -29.57
CA THR B 134 4.19 9.00 -28.38
C THR B 134 5.48 9.68 -28.00
N GLN B 135 6.60 9.19 -28.51
CA GLN B 135 7.92 9.62 -28.07
C GLN B 135 8.19 9.42 -26.56
N LYS B 136 7.50 8.43 -25.98
CA LYS B 136 7.75 7.95 -24.63
C LYS B 136 7.93 6.43 -24.70
N ALA B 137 8.43 5.91 -23.62
CA ALA B 137 8.82 4.47 -23.53
C ALA B 137 8.51 3.92 -22.18
N THR B 138 7.64 2.92 -22.12
CA THR B 138 7.21 2.32 -20.87
C THR B 138 7.86 0.92 -20.72
N LEU B 139 8.67 0.78 -19.68
CA LEU B 139 9.14 -0.53 -19.20
C LEU B 139 8.14 -1.13 -18.30
N VAL B 140 7.97 -2.47 -18.33
CA VAL B 140 7.08 -3.17 -17.38
C VAL B 140 7.96 -4.23 -16.65
N CYS B 141 7.88 -4.21 -15.31
CA CYS B 141 8.39 -5.25 -14.47
C CYS B 141 7.30 -6.21 -14.06
N LEU B 142 7.57 -7.50 -14.10
CA LEU B 142 6.66 -8.52 -13.58
C LEU B 142 7.35 -9.42 -12.60
N ALA B 143 6.83 -9.47 -11.36
CA ALA B 143 7.28 -10.40 -10.36
C ALA B 143 6.24 -11.47 -10.22
N THR B 144 6.62 -12.74 -10.29
CA THR B 144 5.63 -13.82 -10.33
C THR B 144 6.11 -14.96 -9.46
N GLY B 145 5.16 -15.80 -9.09
CA GLY B 145 5.42 -17.05 -8.43
C GLY B 145 5.89 -16.91 -6.98
N PHE B 146 5.56 -15.82 -6.31
CA PHE B 146 5.99 -15.60 -4.93
C PHE B 146 4.92 -15.90 -3.88
N TYR B 147 5.42 -16.29 -2.70
CA TYR B 147 4.57 -16.56 -1.56
C TYR B 147 5.41 -16.43 -0.31
N PRO B 148 4.91 -15.79 0.74
CA PRO B 148 3.65 -15.08 0.86
C PRO B 148 3.69 -13.75 0.17
N ASP B 149 2.61 -12.98 0.38
CA ASP B 149 2.45 -11.68 -0.23
C ASP B 149 3.09 -10.69 0.77
N HIS B 150 4.41 -10.55 0.64
CA HIS B 150 5.22 -9.80 1.57
C HIS B 150 6.50 -9.38 0.77
N VAL B 151 6.29 -8.45 -0.17
CA VAL B 151 7.39 -7.88 -1.01
C VAL B 151 7.42 -6.35 -1.07
N GLU B 152 8.50 -5.79 -1.65
CA GLU B 152 8.72 -4.36 -1.91
C GLU B 152 9.46 -4.20 -3.21
N LEU B 153 8.87 -3.44 -4.15
CA LEU B 153 9.40 -3.30 -5.51
C LEU B 153 9.87 -1.89 -5.67
N SER B 154 11.05 -1.76 -6.26
CA SER B 154 11.62 -0.48 -6.60
C SER B 154 12.29 -0.48 -7.96
N TRP B 155 12.48 0.73 -8.47
CA TRP B 155 13.17 0.91 -9.73
C TRP B 155 14.43 1.74 -9.51
N TRP B 156 15.47 1.40 -10.32
CA TRP B 156 16.87 1.85 -10.17
C TRP B 156 17.37 2.18 -11.57
N VAL B 157 17.70 3.46 -11.82
CA VAL B 157 18.19 3.92 -13.10
C VAL B 157 19.61 4.45 -12.86
N ASN B 158 20.56 3.94 -13.65
CA ASN B 158 22.00 4.12 -13.44
C ASN B 158 22.40 4.05 -11.95
N GLY B 159 21.88 3.05 -11.23
CA GLY B 159 22.24 2.83 -9.83
C GLY B 159 21.59 3.67 -8.75
N LYS B 160 20.62 4.55 -9.08
CA LYS B 160 19.94 5.38 -8.07
C LYS B 160 18.45 5.04 -8.10
N GLU B 161 17.78 5.03 -6.95
CA GLU B 161 16.36 4.66 -6.83
C GLU B 161 15.53 5.81 -7.39
N VAL B 162 14.57 5.50 -8.26
CA VAL B 162 13.70 6.55 -8.87
C VAL B 162 12.28 6.38 -8.41
N HIS B 163 11.56 7.50 -8.24
CA HIS B 163 10.12 7.44 -7.91
C HIS B 163 9.28 8.03 -9.09
N SER B 164 9.85 8.99 -9.81
CA SER B 164 9.17 9.60 -10.94
C SER B 164 8.92 8.60 -12.10
N GLY B 165 7.75 8.67 -12.72
CA GLY B 165 7.49 7.87 -13.88
C GLY B 165 7.04 6.49 -13.48
N VAL B 166 6.83 6.26 -12.19
CA VAL B 166 6.58 4.87 -11.69
C VAL B 166 5.15 4.70 -11.21
N CYS B 167 4.55 3.57 -11.53
CA CYS B 167 3.34 3.14 -10.84
CA CYS B 167 3.47 3.13 -10.68
C CYS B 167 3.41 1.62 -10.61
N THR B 168 3.26 1.19 -9.37
CA THR B 168 3.30 -0.24 -9.00
C THR B 168 1.91 -0.60 -8.54
N ASP B 169 1.46 -1.80 -8.91
CA ASP B 169 0.14 -2.25 -8.47
C ASP B 169 0.08 -2.14 -6.89
N PRO B 170 -1.05 -1.66 -6.36
CA PRO B 170 -1.14 -1.53 -4.89
C PRO B 170 -1.21 -2.86 -4.14
N GLN B 171 -1.67 -3.93 -4.78
CA GLN B 171 -1.69 -5.24 -4.19
C GLN B 171 -1.43 -6.29 -5.28
N PRO B 172 -0.70 -7.35 -4.94
CA PRO B 172 -0.45 -8.37 -5.92
C PRO B 172 -1.70 -9.13 -6.21
N LEU B 173 -1.76 -9.78 -7.36
CA LEU B 173 -2.88 -10.70 -7.59
C LEU B 173 -2.57 -12.20 -7.34
N LYS B 174 -3.62 -12.99 -7.12
CA LYS B 174 -3.45 -14.43 -6.94
C LYS B 174 -3.33 -15.12 -8.31
N GLU B 175 -2.22 -15.86 -8.50
CA GLU B 175 -2.04 -16.70 -9.69
C GLU B 175 -3.08 -17.84 -9.83
N GLN B 176 -3.53 -18.38 -8.70
CA GLN B 176 -4.59 -19.41 -8.68
C GLN B 176 -5.63 -19.03 -7.61
N PRO B 177 -6.58 -18.14 -7.97
CA PRO B 177 -7.46 -17.55 -6.93
C PRO B 177 -8.32 -18.54 -6.14
N ALA B 178 -8.55 -19.75 -6.66
CA ALA B 178 -9.33 -20.74 -5.92
C ALA B 178 -8.53 -21.44 -4.81
N LEU B 179 -7.25 -21.11 -4.62
CA LEU B 179 -6.41 -21.77 -3.63
C LEU B 179 -6.04 -20.83 -2.48
N ASN B 180 -6.15 -21.35 -1.25
CA ASN B 180 -5.84 -20.58 -0.02
C ASN B 180 -4.37 -20.25 0.08
N ASP B 181 -3.53 -21.02 -0.58
CA ASP B 181 -2.07 -20.77 -0.59
C ASP B 181 -1.51 -20.48 -2.01
N SER B 182 -2.35 -19.87 -2.86
CA SER B 182 -1.91 -19.39 -4.16
C SER B 182 -0.67 -18.54 -4.06
N ARG B 183 0.20 -18.70 -5.06
CA ARG B 183 1.28 -17.78 -5.27
C ARG B 183 0.71 -16.48 -5.86
N TYR B 184 1.54 -15.47 -5.85
CA TYR B 184 1.15 -14.08 -6.19
C TYR B 184 1.97 -13.55 -7.31
N SER B 185 1.42 -12.51 -7.95
CA SER B 185 2.19 -11.73 -8.86
C SER B 185 1.86 -10.26 -8.85
N LEU B 186 2.84 -9.50 -9.28
CA LEU B 186 2.85 -8.04 -9.13
C LEU B 186 3.46 -7.39 -10.33
N SER B 187 2.89 -6.30 -10.81
CA SER B 187 3.50 -5.58 -11.94
C SER B 187 3.77 -4.13 -11.59
N SER B 188 4.75 -3.56 -12.27
CA SER B 188 5.07 -2.15 -12.15
C SER B 188 5.50 -1.55 -13.49
N ARG B 189 5.30 -0.24 -13.65
CA ARG B 189 5.66 0.43 -14.89
C ARG B 189 6.63 1.52 -14.49
N LEU B 190 7.60 1.77 -15.37
CA LEU B 190 8.46 2.96 -15.34
C LEU B 190 8.46 3.52 -16.73
N ARG B 191 8.00 4.78 -16.89
CA ARG B 191 7.95 5.44 -18.17
C ARG B 191 8.99 6.59 -18.26
N VAL B 192 9.72 6.63 -19.36
CA VAL B 192 10.79 7.62 -19.61
C VAL B 192 10.56 8.18 -21.00
N SER B 193 11.26 9.27 -21.34
CA SER B 193 11.17 9.72 -22.70
C SER B 193 11.86 8.70 -23.60
N ALA B 194 11.42 8.60 -24.85
CA ALA B 194 12.03 7.73 -25.83
C ALA B 194 13.54 8.01 -25.98
N THR B 195 13.93 9.28 -25.98
CA THR B 195 15.36 9.63 -26.08
CA THR B 195 15.36 9.60 -26.10
C THR B 195 16.16 9.01 -24.94
N PHE B 196 15.62 8.97 -23.73
CA PHE B 196 16.34 8.38 -22.59
C PHE B 196 16.43 6.84 -22.70
N TRP B 197 15.33 6.19 -23.09
CA TRP B 197 15.36 4.74 -23.40
C TRP B 197 16.31 4.44 -24.57
N GLN B 198 16.40 5.35 -25.53
CA GLN B 198 17.24 5.13 -26.73
C GLN B 198 18.76 5.29 -26.53
N ASN B 199 19.16 5.71 -25.34
CA ASN B 199 20.56 5.85 -25.00
C ASN B 199 21.09 4.51 -24.48
N PRO B 200 22.02 3.82 -25.23
CA PRO B 200 22.52 2.48 -24.80
C PRO B 200 23.38 2.49 -23.52
N ARG B 201 23.74 3.67 -23.05
CA ARG B 201 24.43 3.86 -21.78
C ARG B 201 23.53 3.77 -20.55
N ASN B 202 22.21 3.94 -20.68
CA ASN B 202 21.32 3.93 -19.51
C ASN B 202 20.91 2.49 -19.15
N HIS B 203 20.93 2.24 -17.84
CA HIS B 203 20.65 0.94 -17.27
C HIS B 203 19.43 1.01 -16.35
N PHE B 204 18.49 0.08 -16.52
CA PHE B 204 17.22 0.13 -15.83
C PHE B 204 17.12 -1.18 -15.06
N ARG B 205 16.85 -1.12 -13.76
CA ARG B 205 16.67 -2.33 -12.96
C ARG B 205 15.42 -2.24 -12.10
N CYS B 206 14.60 -3.29 -12.14
CA CYS B 206 13.53 -3.53 -11.22
CA CYS B 206 13.57 -3.42 -11.13
C CYS B 206 14.04 -4.40 -10.08
N GLN B 207 13.90 -3.96 -8.82
CA GLN B 207 14.37 -4.69 -7.67
C GLN B 207 13.16 -5.12 -6.86
N VAL B 208 13.11 -6.42 -6.51
CA VAL B 208 12.07 -6.87 -5.59
C VAL B 208 12.72 -7.40 -4.31
N GLN B 209 12.47 -6.75 -3.17
CA GLN B 209 12.82 -7.28 -1.87
C GLN B 209 11.71 -8.26 -1.46
N PHE B 210 12.08 -9.52 -1.34
CA PHE B 210 11.21 -10.61 -0.84
C PHE B 210 11.52 -10.93 0.60
N TYR B 211 10.47 -11.17 1.40
CA TYR B 211 10.64 -11.55 2.80
C TYR B 211 10.19 -12.99 2.93
N GLY B 212 11.08 -13.87 3.38
CA GLY B 212 10.76 -15.28 3.47
C GLY B 212 11.36 -15.91 4.68
N LEU B 213 12.03 -17.03 4.48
CA LEU B 213 12.63 -17.78 5.59
C LEU B 213 13.90 -17.12 6.11
N SER B 214 14.21 -17.42 7.33
CA SER B 214 15.49 -16.99 7.90
C SER B 214 16.47 -18.17 7.95
N GLU B 215 17.68 -17.91 8.44
CA GLU B 215 18.75 -18.91 8.41
C GLU B 215 18.43 -20.07 9.28
N ASN B 216 17.80 -19.82 10.42
CA ASN B 216 17.46 -20.87 11.37
C ASN B 216 16.23 -21.73 11.03
N ASP B 217 15.44 -21.36 10.02
CA ASP B 217 14.36 -22.24 9.55
C ASP B 217 14.89 -23.50 8.90
N GLU B 218 14.27 -24.65 9.21
CA GLU B 218 14.59 -25.92 8.57
C GLU B 218 14.11 -25.87 7.12
N TRP B 219 14.84 -26.56 6.25
CA TRP B 219 14.43 -26.68 4.83
C TRP B 219 14.75 -28.08 4.32
N THR B 220 13.74 -28.80 3.83
CA THR B 220 13.86 -30.17 3.49
C THR B 220 13.70 -30.45 2.00
N GLN B 221 13.36 -29.42 1.19
CA GLN B 221 13.17 -29.60 -0.26
C GLN B 221 14.47 -29.51 -1.04
N ASP B 222 14.48 -30.01 -2.26
CA ASP B 222 15.65 -29.89 -3.14
C ASP B 222 15.77 -28.49 -3.70
N ARG B 223 14.64 -27.83 -3.92
CA ARG B 223 14.68 -26.48 -4.41
C ARG B 223 15.32 -25.53 -3.45
N ALA B 224 15.75 -24.39 -4.00
CA ALA B 224 16.46 -23.40 -3.23
C ALA B 224 15.67 -23.06 -1.95
N LYS B 225 16.35 -22.96 -0.81
CA LYS B 225 15.68 -22.46 0.38
C LYS B 225 15.16 -21.02 0.13
N PRO B 226 13.87 -20.75 0.43
CA PRO B 226 13.29 -19.47 0.02
C PRO B 226 13.47 -18.40 1.09
N VAL B 227 14.72 -18.03 1.30
CA VAL B 227 15.10 -17.07 2.31
C VAL B 227 14.77 -15.63 1.81
N THR B 228 14.69 -14.72 2.77
CA THR B 228 14.56 -13.30 2.51
C THR B 228 15.74 -12.91 1.62
N GLN B 229 15.45 -12.19 0.56
CA GLN B 229 16.45 -11.94 -0.48
C GLN B 229 15.96 -10.90 -1.45
N ILE B 230 16.88 -10.39 -2.28
CA ILE B 230 16.49 -9.50 -3.35
C ILE B 230 16.59 -10.23 -4.69
N VAL B 231 15.59 -10.08 -5.52
CA VAL B 231 15.58 -10.59 -6.92
C VAL B 231 15.33 -9.41 -7.85
N SER B 232 16.24 -9.16 -8.82
CA SER B 232 16.12 -8.05 -9.76
C SER B 232 16.04 -8.59 -11.21
N ALA B 233 15.63 -7.74 -12.11
CA ALA B 233 15.79 -7.90 -13.53
C ALA B 233 16.17 -6.55 -14.12
N GLU B 234 16.80 -6.57 -15.29
CA GLU B 234 17.44 -5.40 -15.87
C GLU B 234 17.25 -5.34 -17.38
N ALA B 235 17.40 -4.13 -17.91
CA ALA B 235 17.49 -3.91 -19.33
C ALA B 235 18.37 -2.68 -19.60
N TRP B 236 19.05 -2.70 -20.74
CA TRP B 236 19.90 -1.58 -21.16
C TRP B 236 19.13 -0.81 -22.20
N GLY B 237 19.30 0.52 -22.23
CA GLY B 237 18.80 1.32 -23.32
C GLY B 237 19.23 0.78 -24.67
N ARG B 238 18.44 1.05 -25.70
CA ARG B 238 18.70 0.50 -27.02
C ARG B 238 18.34 1.47 -28.16
N ALA B 239 19.33 1.76 -29.01
CA ALA B 239 19.13 2.63 -30.17
C ALA B 239 18.25 2.06 -31.29
N ASP B 240 17.95 0.76 -31.29
CA ASP B 240 16.97 0.18 -32.26
C ASP B 240 15.96 -0.77 -31.61
#